data_5UWA
#
_entry.id   5UWA
#
_cell.length_a   33.630
_cell.length_b   115.890
_cell.length_c   133.220
_cell.angle_alpha   90.00
_cell.angle_beta   90.00
_cell.angle_gamma   90.00
#
_symmetry.space_group_name_H-M   'P 21 21 21'
#
loop_
_entity.id
_entity.type
_entity.pdbx_description
1 polymer 'Probable phospholipid-binding protein MlaC'
2 non-polymer '(2S)-3-(2-aminoethoxy)propane-1,2-diyl dihexadecanoate'
3 water water
#
_entity_poly.entity_id   1
_entity_poly.type   'polypeptide(L)'
_entity_poly.pdbx_seq_one_letter_code
;MHHHHHHENLYFQADQTNPYKLMDEAAQKTFDRLKNEQPQIRANPDYLRTIVDQELLPYVQVKYAGALVLGQYYKSATPA
QREAYFAAFREYLKQAYGQALAMYHGQTYQIAPEQPLGDKTIVPIRVTIIDPNGRPPVRLDFQWRKNSQTGNWQAYDMIA
EGVSMITTKQNEWGTLLRTKGIDGLTAQLKSISQQKITLEEKK
;
_entity_poly.pdbx_strand_id   A,B
#
loop_
_chem_comp.id
_chem_comp.type
_chem_comp.name
_chem_comp.formula
8ND non-polymer '(2S)-3-(2-aminoethoxy)propane-1,2-diyl dihexadecanoate' 'C37 H73 N O5'
#
# COMPACT_ATOMS: atom_id res chain seq x y z
N GLN A 16 8.11 -3.66 11.83
CA GLN A 16 7.54 -4.89 12.39
C GLN A 16 8.31 -6.12 11.90
N THR A 17 8.34 -7.15 12.74
CA THR A 17 9.18 -8.32 12.48
C THR A 17 8.44 -9.65 12.63
N ASN A 18 7.27 -9.66 13.30
CA ASN A 18 6.51 -10.87 13.53
C ASN A 18 5.97 -11.41 12.21
N PRO A 19 6.04 -12.74 11.95
CA PRO A 19 5.69 -13.18 10.60
C PRO A 19 4.19 -13.00 10.22
N TYR A 20 3.30 -13.05 11.20
CA TYR A 20 1.90 -12.73 10.92
C TYR A 20 1.76 -11.27 10.48
N LYS A 21 2.44 -10.36 11.16
CA LYS A 21 2.42 -8.96 10.81
C LYS A 21 3.06 -8.73 9.43
N LEU A 22 4.14 -9.44 9.14
CA LEU A 22 4.74 -9.35 7.81
C LEU A 22 3.78 -9.84 6.73
N MET A 23 3.10 -10.95 6.99
CA MET A 23 2.07 -11.42 6.06
C MET A 23 1.01 -10.36 5.83
N ASP A 24 0.48 -9.82 6.93
CA ASP A 24 -0.58 -8.80 6.86
C ASP A 24 -0.14 -7.62 6.00
N GLU A 25 1.07 -7.13 6.27
CA GLU A 25 1.62 -5.98 5.56
C GLU A 25 1.81 -6.25 4.09
N ALA A 26 2.42 -7.40 3.79
CA ALA A 26 2.73 -7.72 2.41
C ALA A 26 1.44 -7.91 1.61
N ALA A 27 0.44 -8.57 2.22
CA ALA A 27 -0.84 -8.75 1.55
C ALA A 27 -1.51 -7.42 1.31
N GLN A 28 -1.56 -6.59 2.36
CA GLN A 28 -2.24 -5.33 2.24
C GLN A 28 -1.63 -4.45 1.16
N LYS A 29 -0.30 -4.34 1.17
CA LYS A 29 0.38 -3.49 0.21
C LYS A 29 0.24 -4.02 -1.23
N THR A 30 0.42 -5.34 -1.39
CA THR A 30 0.32 -5.92 -2.72
C THR A 30 -1.09 -5.70 -3.30
N PHE A 31 -2.11 -6.03 -2.51
CA PHE A 31 -3.47 -5.85 -3.01
C PHE A 31 -3.83 -4.38 -3.20
N ASP A 32 -3.28 -3.48 -2.37
CA ASP A 32 -3.47 -2.06 -2.59
C ASP A 32 -2.96 -1.63 -3.97
N ARG A 33 -1.75 -2.06 -4.31
CA ARG A 33 -1.19 -1.66 -5.61
C ARG A 33 -1.94 -2.34 -6.77
N LEU A 34 -2.30 -3.61 -6.61
CA LEU A 34 -3.09 -4.30 -7.64
C LEU A 34 -4.44 -3.61 -7.87
N LYS A 35 -5.10 -3.25 -6.79
CA LYS A 35 -6.41 -2.64 -6.86
C LYS A 35 -6.33 -1.27 -7.52
N ASN A 36 -5.33 -0.48 -7.11
CA ASN A 36 -5.30 0.93 -7.49
C ASN A 36 -4.38 1.32 -8.64
N GLU A 37 -3.54 0.41 -9.13
CA GLU A 37 -2.60 0.75 -10.20
C GLU A 37 -2.78 -0.07 -11.48
N GLN A 38 -4.01 -0.46 -11.79
CA GLN A 38 -4.27 -1.20 -13.00
C GLN A 38 -3.90 -0.41 -14.26
N PRO A 39 -4.09 0.93 -14.28
CA PRO A 39 -3.61 1.61 -15.50
C PRO A 39 -2.11 1.36 -15.80
N GLN A 40 -1.30 1.45 -14.75
N GLN A 40 -1.28 1.48 -14.76
CA GLN A 40 0.13 1.23 -14.87
CA GLN A 40 0.16 1.22 -14.88
C GLN A 40 0.45 -0.22 -15.27
C GLN A 40 0.42 -0.22 -15.33
N ILE A 41 -0.27 -1.16 -14.69
CA ILE A 41 -0.08 -2.57 -15.00
C ILE A 41 -0.50 -2.88 -16.45
N ARG A 42 -1.63 -2.35 -16.90
CA ARG A 42 -2.05 -2.57 -18.28
C ARG A 42 -1.07 -1.93 -19.25
N ALA A 43 -0.55 -0.76 -18.87
CA ALA A 43 0.42 -0.07 -19.72
C ALA A 43 1.73 -0.84 -19.83
N ASN A 44 2.18 -1.41 -18.72
CA ASN A 44 3.39 -2.21 -18.73
C ASN A 44 3.27 -3.39 -17.76
N PRO A 45 2.82 -4.55 -18.26
CA PRO A 45 2.62 -5.70 -17.36
C PRO A 45 3.86 -6.09 -16.57
N ASP A 46 5.05 -5.82 -17.10
CA ASP A 46 6.27 -6.12 -16.36
C ASP A 46 6.39 -5.34 -15.05
N TYR A 47 5.57 -4.31 -14.89
CA TYR A 47 5.52 -3.59 -13.62
C TYR A 47 5.15 -4.53 -12.49
N LEU A 48 4.45 -5.61 -12.83
CA LEU A 48 4.09 -6.59 -11.80
C LEU A 48 5.34 -7.24 -11.19
N ARG A 49 6.44 -7.29 -11.95
CA ARG A 49 7.68 -7.85 -11.41
C ARG A 49 8.24 -6.91 -10.35
N THR A 50 8.06 -5.61 -10.55
CA THR A 50 8.50 -4.63 -9.58
C THR A 50 7.72 -4.74 -8.28
N ILE A 51 6.39 -4.91 -8.39
CA ILE A 51 5.57 -5.11 -7.20
C ILE A 51 6.04 -6.36 -6.44
N VAL A 52 6.30 -7.44 -7.17
CA VAL A 52 6.81 -8.65 -6.52
C VAL A 52 8.16 -8.37 -5.84
N ASP A 53 9.05 -7.71 -6.56
CA ASP A 53 10.38 -7.43 -6.08
C ASP A 53 10.38 -6.59 -4.80
N GLN A 54 9.45 -5.64 -4.73
CA GLN A 54 9.41 -4.72 -3.60
C GLN A 54 8.61 -5.24 -2.42
N GLU A 55 7.48 -5.91 -2.70
CA GLU A 55 6.55 -6.26 -1.63
C GLU A 55 6.65 -7.69 -1.13
N LEU A 56 7.12 -8.60 -1.98
CA LEU A 56 7.08 -10.02 -1.66
C LEU A 56 8.46 -10.67 -1.51
N LEU A 57 9.31 -10.52 -2.52
N LEU A 57 9.29 -10.49 -2.54
CA LEU A 57 10.58 -11.27 -2.51
CA LEU A 57 10.57 -11.17 -2.59
C LEU A 57 11.53 -10.94 -1.34
C LEU A 57 11.49 -10.93 -1.38
N PRO A 58 11.47 -9.72 -0.79
CA PRO A 58 12.35 -9.54 0.38
C PRO A 58 12.01 -10.44 1.54
N TYR A 59 10.80 -10.99 1.54
CA TYR A 59 10.33 -11.84 2.62
C TYR A 59 10.40 -13.29 2.21
N VAL A 60 11.05 -13.58 1.08
CA VAL A 60 11.20 -14.96 0.61
C VAL A 60 12.62 -15.42 0.81
N GLN A 61 12.77 -16.61 1.37
CA GLN A 61 14.07 -17.20 1.63
C GLN A 61 14.53 -17.95 0.37
N VAL A 62 14.94 -17.15 -0.60
CA VAL A 62 15.14 -17.61 -1.96
C VAL A 62 16.19 -18.72 -2.05
N LYS A 63 17.31 -18.56 -1.35
CA LYS A 63 18.36 -19.57 -1.46
C LYS A 63 18.02 -20.88 -0.74
N TYR A 64 17.29 -20.78 0.37
CA TYR A 64 16.86 -21.99 1.08
C TYR A 64 15.90 -22.79 0.20
N ALA A 65 14.92 -22.08 -0.36
CA ALA A 65 14.00 -22.75 -1.29
C ALA A 65 14.74 -23.31 -2.51
N GLY A 66 15.63 -22.50 -3.10
CA GLY A 66 16.33 -22.93 -4.30
C GLY A 66 17.20 -24.17 -4.09
N ALA A 67 17.86 -24.21 -2.93
CA ALA A 67 18.67 -25.38 -2.59
C ALA A 67 17.79 -26.61 -2.46
N LEU A 68 16.65 -26.44 -1.79
CA LEU A 68 15.73 -27.57 -1.69
C LEU A 68 15.22 -28.05 -3.06
N VAL A 69 14.94 -27.13 -3.98
CA VAL A 69 14.50 -27.54 -5.31
C VAL A 69 15.56 -28.39 -5.98
N LEU A 70 16.84 -28.00 -5.83
CA LEU A 70 17.92 -28.79 -6.42
C LEU A 70 18.13 -30.16 -5.83
N GLY A 71 17.87 -30.30 -4.54
CA GLY A 71 17.93 -31.64 -3.97
C GLY A 71 19.36 -32.13 -4.06
N GLN A 72 19.59 -33.35 -4.56
CA GLN A 72 20.95 -33.89 -4.60
C GLN A 72 21.91 -33.03 -5.42
N TYR A 73 21.40 -32.24 -6.35
CA TYR A 73 22.28 -31.50 -7.23
C TYR A 73 22.86 -30.27 -6.56
N TYR A 74 22.33 -29.90 -5.40
CA TYR A 74 22.91 -28.79 -4.67
C TYR A 74 24.27 -29.18 -4.09
N LYS A 75 24.33 -30.34 -3.46
CA LYS A 75 25.56 -30.76 -2.80
C LYS A 75 26.72 -30.93 -3.77
N SER A 76 26.44 -31.35 -5.00
CA SER A 76 27.52 -31.61 -5.97
C SER A 76 27.87 -30.38 -6.82
N ALA A 77 27.13 -29.29 -6.65
CA ALA A 77 27.39 -28.06 -7.39
C ALA A 77 28.55 -27.26 -6.79
N THR A 78 29.33 -26.61 -7.65
CA THR A 78 30.38 -25.71 -7.20
C THR A 78 29.82 -24.41 -6.68
N PRO A 79 30.61 -23.65 -5.92
CA PRO A 79 30.09 -22.35 -5.47
C PRO A 79 29.68 -21.44 -6.64
N ALA A 80 30.44 -21.42 -7.72
CA ALA A 80 30.11 -20.56 -8.86
C ALA A 80 28.79 -21.01 -9.53
N GLN A 81 28.61 -22.33 -9.65
CA GLN A 81 27.35 -22.88 -10.17
C GLN A 81 26.19 -22.48 -9.28
N ARG A 82 26.40 -22.60 -7.97
CA ARG A 82 25.34 -22.21 -7.03
C ARG A 82 24.99 -20.74 -7.15
N GLU A 83 26.01 -19.88 -7.20
CA GLU A 83 25.79 -18.44 -7.37
C GLU A 83 24.94 -18.15 -8.62
N ALA A 84 25.33 -18.76 -9.73
CA ALA A 84 24.60 -18.50 -10.98
C ALA A 84 23.16 -19.01 -10.91
N TYR A 85 23.00 -20.20 -10.32
CA TYR A 85 21.68 -20.76 -10.12
C TYR A 85 20.79 -19.85 -9.27
N PHE A 86 21.29 -19.43 -8.12
CA PHE A 86 20.49 -18.59 -7.25
C PHE A 86 20.10 -17.27 -7.92
N ALA A 87 21.03 -16.68 -8.66
CA ALA A 87 20.68 -15.45 -9.39
C ALA A 87 19.52 -15.69 -10.39
N ALA A 88 19.66 -16.79 -11.15
CA ALA A 88 18.60 -17.12 -12.12
C ALA A 88 17.28 -17.47 -11.45
N PHE A 89 17.37 -18.17 -10.33
CA PHE A 89 16.17 -18.57 -9.59
C PHE A 89 15.42 -17.35 -9.07
N ARG A 90 16.17 -16.38 -8.54
CA ARG A 90 15.54 -15.14 -8.07
C ARG A 90 14.82 -14.40 -9.22
N GLU A 91 15.51 -14.29 -10.35
CA GLU A 91 14.84 -13.65 -11.50
C GLU A 91 13.57 -14.43 -11.97
N TYR A 92 13.69 -15.75 -11.94
CA TYR A 92 12.57 -16.61 -12.26
C TYR A 92 11.39 -16.33 -11.33
N LEU A 93 11.64 -16.23 -10.03
CA LEU A 93 10.55 -15.94 -9.10
C LEU A 93 9.87 -14.62 -9.40
N LYS A 94 10.67 -13.61 -9.74
CA LYS A 94 10.05 -12.33 -10.12
C LYS A 94 9.09 -12.49 -11.29
N GLN A 95 9.56 -13.17 -12.32
CA GLN A 95 8.71 -13.40 -13.49
C GLN A 95 7.47 -14.25 -13.20
N ALA A 96 7.67 -15.35 -12.49
CA ALA A 96 6.60 -16.32 -12.29
C ALA A 96 5.53 -15.76 -11.38
N TYR A 97 5.94 -15.09 -10.30
CA TYR A 97 4.91 -14.54 -9.43
C TYR A 97 4.38 -13.23 -10.00
N GLY A 98 5.17 -12.53 -10.80
CA GLY A 98 4.59 -11.43 -11.57
C GLY A 98 3.43 -11.93 -12.45
N GLN A 99 3.69 -13.04 -13.12
CA GLN A 99 2.66 -13.61 -13.99
C GLN A 99 1.46 -14.07 -13.17
N ALA A 100 1.70 -14.62 -11.97
CA ALA A 100 0.57 -14.90 -11.07
C ALA A 100 -0.24 -13.65 -10.74
N LEU A 101 0.43 -12.55 -10.43
CA LEU A 101 -0.29 -11.31 -10.11
C LEU A 101 -1.08 -10.79 -11.29
N ALA A 102 -0.61 -11.10 -12.50
CA ALA A 102 -1.39 -10.77 -13.70
C ALA A 102 -2.81 -11.42 -13.76
N MET A 103 -3.05 -12.42 -12.92
N MET A 103 -3.06 -12.40 -12.91
CA MET A 103 -4.36 -13.07 -12.84
CA MET A 103 -4.37 -13.06 -12.86
C MET A 103 -5.32 -12.34 -11.90
C MET A 103 -5.34 -12.33 -11.93
N TYR A 104 -4.91 -11.19 -11.37
CA TYR A 104 -5.77 -10.42 -10.48
C TYR A 104 -6.98 -9.86 -11.21
N HIS A 105 -8.16 -10.13 -10.66
CA HIS A 105 -9.43 -9.61 -11.17
C HIS A 105 -10.38 -9.31 -10.01
N GLY A 106 -9.88 -8.62 -9.01
CA GLY A 106 -10.72 -8.16 -7.92
C GLY A 106 -10.81 -9.10 -6.74
N GLN A 107 -9.93 -10.09 -6.68
CA GLN A 107 -9.88 -10.96 -5.51
C GLN A 107 -9.47 -10.18 -4.27
N THR A 108 -9.74 -10.77 -3.11
CA THR A 108 -9.23 -10.23 -1.88
C THR A 108 -8.70 -11.41 -1.06
N TYR A 109 -8.39 -11.16 0.20
CA TYR A 109 -7.69 -12.16 1.00
C TYR A 109 -8.16 -12.18 2.43
N GLN A 110 -7.98 -13.32 3.09
CA GLN A 110 -8.15 -13.44 4.52
C GLN A 110 -6.96 -14.19 5.09
N ILE A 111 -6.28 -13.62 6.08
CA ILE A 111 -5.13 -14.25 6.70
C ILE A 111 -5.56 -14.88 8.01
N ALA A 112 -4.96 -16.03 8.29
CA ALA A 112 -5.18 -16.72 9.55
C ALA A 112 -4.81 -15.79 10.71
N PRO A 113 -5.54 -15.88 11.82
CA PRO A 113 -5.26 -14.97 12.94
C PRO A 113 -3.92 -15.25 13.60
N GLU A 114 -3.29 -14.21 14.15
CA GLU A 114 -2.01 -14.35 14.82
C GLU A 114 -2.13 -15.31 16.00
N GLN A 115 -1.13 -16.18 16.14
CA GLN A 115 -1.02 -17.07 17.30
C GLN A 115 0.34 -16.82 17.93
N PRO A 116 0.46 -17.10 19.23
CA PRO A 116 1.78 -16.89 19.85
C PRO A 116 2.88 -17.72 19.18
N LEU A 117 4.06 -17.14 19.04
CA LEU A 117 5.16 -17.82 18.35
C LEU A 117 5.81 -18.86 19.23
N GLY A 118 5.93 -18.56 20.52
CA GLY A 118 6.60 -19.44 21.45
C GLY A 118 8.01 -19.74 20.97
N ASP A 119 8.37 -21.02 20.98
CA ASP A 119 9.67 -21.45 20.48
C ASP A 119 9.53 -22.17 19.13
N LYS A 120 8.40 -21.96 18.46
CA LYS A 120 8.19 -22.54 17.14
C LYS A 120 9.32 -22.12 16.23
N THR A 121 9.69 -23.02 15.34
CA THR A 121 10.81 -22.81 14.44
C THR A 121 10.28 -22.55 13.03
N ILE A 122 9.27 -23.31 12.61
CA ILE A 122 8.61 -23.05 11.35
C ILE A 122 7.15 -22.83 11.62
N VAL A 123 6.64 -21.70 11.14
CA VAL A 123 5.28 -21.27 11.40
C VAL A 123 4.51 -21.24 10.09
N PRO A 124 3.54 -22.16 9.93
CA PRO A 124 2.68 -22.09 8.75
C PRO A 124 1.61 -21.03 8.92
N ILE A 125 1.49 -20.16 7.94
CA ILE A 125 0.48 -19.09 7.98
C ILE A 125 -0.35 -19.12 6.72
N ARG A 126 -1.62 -19.44 6.92
CA ARG A 126 -2.56 -19.60 5.84
C ARG A 126 -3.12 -18.25 5.41
N VAL A 127 -3.19 -18.06 4.10
CA VAL A 127 -3.98 -16.99 3.52
C VAL A 127 -4.90 -17.56 2.47
N THR A 128 -6.15 -17.13 2.52
CA THR A 128 -7.14 -17.58 1.55
C THR A 128 -7.44 -16.44 0.60
N ILE A 129 -7.26 -16.71 -0.69
CA ILE A 129 -7.60 -15.78 -1.75
C ILE A 129 -9.05 -16.04 -2.18
N ILE A 130 -9.87 -15.01 -2.00
CA ILE A 130 -11.29 -15.05 -2.19
C ILE A 130 -11.66 -14.25 -3.44
N ASP A 131 -12.55 -14.79 -4.26
CA ASP A 131 -12.98 -14.14 -5.49
C ASP A 131 -14.49 -13.94 -5.36
N PRO A 132 -14.90 -12.81 -4.77
CA PRO A 132 -16.34 -12.66 -4.49
C PRO A 132 -17.21 -12.78 -5.73
N ASN A 133 -18.25 -13.61 -5.65
CA ASN A 133 -19.18 -13.82 -6.74
C ASN A 133 -18.54 -14.50 -7.93
N GLY A 134 -17.34 -15.04 -7.73
CA GLY A 134 -16.59 -15.63 -8.81
C GLY A 134 -16.14 -17.05 -8.47
N ARG A 135 -14.84 -17.28 -8.67
CA ARG A 135 -14.28 -18.61 -8.53
C ARG A 135 -14.12 -18.99 -7.07
N PRO A 136 -14.05 -20.31 -6.79
CA PRO A 136 -13.90 -20.82 -5.44
C PRO A 136 -12.59 -20.38 -4.78
N PRO A 137 -12.53 -20.47 -3.44
CA PRO A 137 -11.33 -20.01 -2.72
C PRO A 137 -10.06 -20.71 -3.12
N VAL A 138 -8.96 -19.98 -3.04
CA VAL A 138 -7.63 -20.50 -3.30
C VAL A 138 -6.86 -20.39 -2.00
N ARG A 139 -6.49 -21.53 -1.43
CA ARG A 139 -5.81 -21.60 -0.14
C ARG A 139 -4.31 -21.65 -0.30
N LEU A 140 -3.63 -20.71 0.34
CA LEU A 140 -2.19 -20.65 0.34
C LEU A 140 -1.72 -20.86 1.78
N ASP A 141 -0.63 -21.57 1.96
CA ASP A 141 -0.06 -21.76 3.28
C ASP A 141 1.43 -21.47 3.20
N PHE A 142 1.83 -20.32 3.72
CA PHE A 142 3.23 -19.89 3.68
C PHE A 142 4.01 -20.45 4.85
N GLN A 143 5.19 -20.98 4.57
CA GLN A 143 5.98 -21.65 5.58
C GLN A 143 7.06 -20.68 6.05
N TRP A 144 6.85 -20.08 7.21
CA TRP A 144 7.74 -19.03 7.70
C TRP A 144 8.79 -19.58 8.65
N ARG A 145 10.01 -19.07 8.50
N ARG A 145 10.01 -19.10 8.50
CA ARG A 145 11.18 -19.53 9.23
CA ARG A 145 11.02 -19.43 9.47
C ARG A 145 12.13 -18.36 9.49
C ARG A 145 11.96 -18.27 9.60
N LYS A 146 12.71 -18.29 10.68
CA LYS A 146 13.70 -17.26 10.94
C LYS A 146 14.96 -17.58 10.14
N ASN A 147 15.38 -16.63 9.31
CA ASN A 147 16.67 -16.70 8.65
C ASN A 147 17.76 -16.65 9.72
N SER A 148 18.54 -17.71 9.85
CA SER A 148 19.52 -17.81 10.93
C SER A 148 20.63 -16.79 10.79
N GLN A 149 20.87 -16.36 9.55
CA GLN A 149 21.93 -15.40 9.29
C GLN A 149 21.43 -13.97 9.49
N THR A 150 20.28 -13.62 8.91
CA THR A 150 19.84 -12.21 8.94
C THR A 150 19.02 -11.84 10.16
N GLY A 151 18.46 -12.84 10.83
CA GLY A 151 17.59 -12.59 11.98
C GLY A 151 16.15 -12.26 11.63
N ASN A 152 15.82 -12.25 10.33
CA ASN A 152 14.50 -11.89 9.86
C ASN A 152 13.64 -13.11 9.52
N TRP A 153 12.36 -13.02 9.82
CA TRP A 153 11.41 -14.03 9.40
C TRP A 153 11.20 -13.93 7.89
N GLN A 154 11.23 -15.09 7.23
CA GLN A 154 10.98 -15.19 5.81
C GLN A 154 10.18 -16.44 5.50
N ALA A 155 9.46 -16.45 4.39
CA ALA A 155 8.79 -17.65 3.92
C ALA A 155 9.71 -18.41 2.98
N TYR A 156 9.90 -19.69 3.23
CA TYR A 156 10.75 -20.51 2.38
C TYR A 156 9.99 -21.41 1.42
N ASP A 157 8.69 -21.55 1.62
CA ASP A 157 7.86 -22.34 0.72
C ASP A 157 6.44 -21.81 0.83
N MET A 158 5.64 -22.14 -0.18
CA MET A 158 4.24 -21.84 -0.19
C MET A 158 3.53 -23.09 -0.67
N ILE A 159 2.49 -23.49 0.04
N ILE A 159 2.57 -23.55 0.11
CA ILE A 159 1.64 -24.60 -0.36
CA ILE A 159 1.64 -24.58 -0.31
C ILE A 159 0.36 -24.03 -0.92
C ILE A 159 0.50 -23.82 -0.98
N ALA A 160 0.21 -24.15 -2.23
CA ALA A 160 -0.88 -23.50 -2.97
C ALA A 160 -1.83 -24.55 -3.47
N GLU A 161 -3.08 -24.46 -3.05
CA GLU A 161 -4.08 -25.45 -3.42
C GLU A 161 -3.59 -26.85 -3.12
N GLY A 162 -2.87 -26.98 -2.01
CA GLY A 162 -2.50 -28.28 -1.52
C GLY A 162 -1.22 -28.82 -2.10
N VAL A 163 -0.55 -28.02 -2.93
CA VAL A 163 0.69 -28.43 -3.59
C VAL A 163 1.84 -27.51 -3.16
N SER A 164 2.95 -28.08 -2.71
CA SER A 164 4.14 -27.31 -2.33
C SER A 164 4.81 -26.79 -3.57
N MET A 165 5.18 -25.52 -3.57
N MET A 165 5.16 -25.52 -3.58
CA MET A 165 5.86 -24.96 -4.73
CA MET A 165 5.85 -24.94 -4.72
C MET A 165 7.22 -25.62 -4.92
C MET A 165 7.19 -25.62 -4.92
N ILE A 166 7.92 -25.87 -3.82
CA ILE A 166 9.21 -26.57 -3.93
C ILE A 166 9.01 -27.95 -4.55
N THR A 167 8.07 -28.71 -4.00
CA THR A 167 7.83 -30.08 -4.49
C THR A 167 7.42 -30.08 -5.95
N THR A 168 6.53 -29.16 -6.29
N THR A 168 6.55 -29.17 -6.35
CA THR A 168 6.05 -29.02 -7.68
CA THR A 168 6.07 -29.24 -7.72
C THR A 168 7.21 -28.85 -8.61
C THR A 168 7.17 -28.79 -8.70
N LYS A 169 8.11 -27.93 -8.28
CA LYS A 169 9.24 -27.62 -9.16
C LYS A 169 10.25 -28.74 -9.18
N GLN A 170 10.44 -29.42 -8.07
CA GLN A 170 11.25 -30.65 -8.08
C GLN A 170 10.73 -31.62 -9.12
N ASN A 171 9.40 -31.80 -9.12
CA ASN A 171 8.79 -32.71 -10.08
C ASN A 171 8.87 -32.19 -11.52
N GLU A 172 8.56 -30.93 -11.71
CA GLU A 172 8.54 -30.33 -13.05
C GLU A 172 9.92 -30.33 -13.69
N TRP A 173 10.94 -30.06 -12.88
CA TRP A 173 12.30 -29.92 -13.40
C TRP A 173 13.16 -31.17 -13.16
N GLY A 174 12.52 -32.25 -12.72
CA GLY A 174 13.23 -33.49 -12.42
C GLY A 174 14.02 -34.06 -13.57
N THR A 175 13.37 -34.20 -14.73
CA THR A 175 14.03 -34.75 -15.92
C THR A 175 15.15 -33.82 -16.42
N LEU A 176 14.88 -32.51 -16.37
CA LEU A 176 15.89 -31.53 -16.75
C LEU A 176 17.12 -31.66 -15.87
N LEU A 177 16.92 -31.74 -14.57
CA LEU A 177 18.05 -31.92 -13.67
C LEU A 177 18.76 -33.25 -13.92
N ARG A 178 18.00 -34.32 -14.07
CA ARG A 178 18.61 -35.64 -14.26
C ARG A 178 19.46 -35.68 -15.53
N THR A 179 19.03 -34.96 -16.55
CA THR A 179 19.74 -35.01 -17.83
C THR A 179 20.78 -33.92 -18.06
N LYS A 180 20.54 -32.71 -17.55
CA LYS A 180 21.43 -31.58 -17.83
C LYS A 180 21.95 -30.86 -16.56
N GLY A 181 21.50 -31.32 -15.40
CA GLY A 181 22.02 -30.84 -14.13
C GLY A 181 21.73 -29.38 -13.84
N ILE A 182 22.49 -28.82 -12.89
CA ILE A 182 22.26 -27.45 -12.43
C ILE A 182 22.50 -26.43 -13.53
N ASP A 183 23.48 -26.69 -14.40
CA ASP A 183 23.71 -25.88 -15.59
C ASP A 183 22.44 -25.80 -16.45
N GLY A 184 21.85 -26.98 -16.71
CA GLY A 184 20.63 -26.99 -17.51
C GLY A 184 19.49 -26.23 -16.86
N LEU A 185 19.31 -26.46 -15.55
CA LEU A 185 18.21 -25.77 -14.90
C LEU A 185 18.44 -24.25 -14.85
N THR A 186 19.67 -23.83 -14.57
CA THR A 186 19.99 -22.40 -14.57
C THR A 186 19.66 -21.76 -15.90
N ALA A 187 20.07 -22.42 -16.99
CA ALA A 187 19.73 -21.89 -18.31
C ALA A 187 18.21 -21.78 -18.52
N GLN A 188 17.47 -22.81 -18.09
CA GLN A 188 16.01 -22.76 -18.24
C GLN A 188 15.36 -21.63 -17.42
N LEU A 189 15.81 -21.46 -16.19
CA LEU A 189 15.30 -20.39 -15.33
C LEU A 189 15.54 -19.05 -15.97
N LYS A 190 16.76 -18.86 -16.47
CA LYS A 190 17.09 -17.59 -17.12
C LYS A 190 16.17 -17.37 -18.32
N SER A 191 15.97 -18.40 -19.14
CA SER A 191 15.04 -18.30 -20.27
C SER A 191 13.62 -17.89 -19.86
N ILE A 192 13.08 -18.60 -18.87
CA ILE A 192 11.72 -18.31 -18.41
C ILE A 192 11.63 -16.89 -17.89
N SER A 193 12.65 -16.46 -17.14
CA SER A 193 12.61 -15.14 -16.52
C SER A 193 12.57 -14.01 -17.55
N GLN A 194 12.95 -14.33 -18.79
CA GLN A 194 13.01 -13.32 -19.85
C GLN A 194 11.70 -13.20 -20.64
N GLN A 195 10.73 -14.04 -20.34
CA GLN A 195 9.44 -13.98 -21.00
C GLN A 195 8.66 -12.77 -20.48
N LYS A 196 8.08 -11.98 -21.37
CA LYS A 196 7.27 -10.86 -20.93
C LYS A 196 6.01 -11.35 -20.22
N ILE A 197 5.57 -10.59 -19.23
CA ILE A 197 4.35 -10.94 -18.53
C ILE A 197 3.19 -10.55 -19.43
N THR A 198 2.17 -11.41 -19.46
CA THR A 198 0.98 -11.15 -20.27
C THR A 198 -0.27 -11.06 -19.41
N LEU A 199 -1.14 -10.14 -19.77
CA LEU A 199 -2.44 -10.02 -19.13
C LEU A 199 -3.48 -10.79 -19.95
N GLU A 200 -4.47 -11.35 -19.28
CA GLU A 200 -5.55 -12.07 -19.97
C GLU A 200 -6.43 -11.10 -20.74
N GLN B 16 -12.06 -2.98 7.52
CA GLN B 16 -11.85 -2.30 8.80
C GLN B 16 -12.84 -1.15 8.95
N THR B 17 -13.16 -0.80 10.20
CA THR B 17 -14.12 0.26 10.47
C THR B 17 -13.64 1.20 11.58
N ASN B 18 -12.84 0.68 12.51
CA ASN B 18 -12.31 1.45 13.62
C ASN B 18 -11.37 2.57 13.15
N PRO B 19 -11.52 3.80 13.68
CA PRO B 19 -10.77 4.92 13.09
C PRO B 19 -9.25 4.79 13.28
N TYR B 20 -8.80 4.14 14.36
CA TYR B 20 -7.36 3.90 14.50
C TYR B 20 -6.88 2.95 13.42
N LYS B 21 -7.68 1.93 13.14
CA LYS B 21 -7.31 0.96 12.12
C LYS B 21 -7.32 1.61 10.74
N LEU B 22 -8.30 2.48 10.49
CA LEU B 22 -8.33 3.22 9.24
C LEU B 22 -7.10 4.12 9.09
N MET B 23 -6.72 4.82 10.17
CA MET B 23 -5.49 5.61 10.15
C MET B 23 -4.28 4.76 9.84
N ASP B 24 -4.18 3.61 10.50
CA ASP B 24 -3.04 2.71 10.30
C ASP B 24 -2.94 2.28 8.84
N GLU B 25 -4.06 1.90 8.24
N GLU B 25 -4.09 1.92 8.28
CA GLU B 25 -4.06 1.41 6.86
CA GLU B 25 -4.17 1.43 6.91
C GLU B 25 -3.74 2.51 5.86
C GLU B 25 -3.77 2.50 5.89
N ALA B 26 -4.33 3.68 6.05
CA ALA B 26 -4.12 4.77 5.11
C ALA B 26 -2.66 5.21 5.15
N ALA B 27 -2.09 5.29 6.35
CA ALA B 27 -0.70 5.68 6.47
C ALA B 27 0.20 4.64 5.82
N GLN B 28 -0.06 3.38 6.10
CA GLN B 28 0.78 2.31 5.59
C GLN B 28 0.78 2.31 4.07
N LYS B 29 -0.42 2.42 3.50
CA LYS B 29 -0.53 2.40 2.05
C LYS B 29 0.09 3.63 1.39
N THR B 30 -0.16 4.79 1.99
CA THR B 30 0.39 6.02 1.42
C THR B 30 1.91 5.98 1.43
N PHE B 31 2.48 5.62 2.57
CA PHE B 31 3.95 5.61 2.66
C PHE B 31 4.56 4.47 1.82
N ASP B 32 3.86 3.35 1.68
CA ASP B 32 4.33 2.30 0.77
C ASP B 32 4.47 2.84 -0.67
N ARG B 33 3.43 3.55 -1.11
CA ARG B 33 3.50 4.08 -2.46
C ARG B 33 4.56 5.20 -2.60
N LEU B 34 4.66 6.07 -1.60
CA LEU B 34 5.69 7.11 -1.62
C LEU B 34 7.11 6.51 -1.67
N LYS B 35 7.33 5.49 -0.85
CA LYS B 35 8.65 4.87 -0.75
C LYS B 35 9.01 4.16 -2.03
N ASN B 36 8.03 3.44 -2.60
CA ASN B 36 8.35 2.53 -3.69
C ASN B 36 8.04 3.01 -5.11
N GLU B 37 7.32 4.14 -5.25
CA GLU B 37 6.95 4.60 -6.58
C GLU B 37 7.54 5.96 -6.96
N GLN B 38 8.74 6.25 -6.47
CA GLN B 38 9.36 7.53 -6.80
C GLN B 38 9.63 7.70 -8.30
N PRO B 39 9.95 6.62 -9.04
CA PRO B 39 10.12 6.87 -10.48
C PRO B 39 8.86 7.43 -11.14
N GLN B 40 7.70 6.87 -10.78
N GLN B 40 7.72 6.88 -10.75
CA GLN B 40 6.43 7.34 -11.32
CA GLN B 40 6.42 7.30 -11.28
C GLN B 40 6.14 8.77 -10.87
C GLN B 40 6.11 8.74 -10.85
N ILE B 41 6.39 9.05 -9.60
CA ILE B 41 6.16 10.38 -9.04
C ILE B 41 7.06 11.41 -9.72
N ARG B 42 8.32 11.04 -9.94
CA ARG B 42 9.26 11.94 -10.59
C ARG B 42 8.84 12.17 -12.03
N ALA B 43 8.36 11.11 -12.68
CA ALA B 43 7.94 11.23 -14.08
C ALA B 43 6.70 12.10 -14.21
N ASN B 44 5.80 11.98 -13.24
CA ASN B 44 4.60 12.82 -13.23
C ASN B 44 4.14 13.13 -11.81
N PRO B 45 4.58 14.27 -11.26
CA PRO B 45 4.26 14.62 -9.87
C PRO B 45 2.76 14.66 -9.58
N ASP B 46 1.95 14.92 -10.60
CA ASP B 46 0.51 14.95 -10.41
C ASP B 46 -0.03 13.59 -10.00
N TYR B 47 0.76 12.54 -10.20
CA TYR B 47 0.39 11.21 -9.69
C TYR B 47 0.14 11.28 -8.19
N LEU B 48 0.77 12.22 -7.51
CA LEU B 48 0.53 12.34 -6.07
C LEU B 48 -0.94 12.68 -5.78
N ARG B 49 -1.63 13.35 -6.71
CA ARG B 49 -3.06 13.61 -6.50
C ARG B 49 -3.87 12.32 -6.50
N THR B 50 -3.44 11.36 -7.31
CA THR B 50 -4.09 10.07 -7.39
C THR B 50 -3.92 9.30 -6.09
N ILE B 51 -2.71 9.35 -5.54
CA ILE B 51 -2.45 8.70 -4.26
C ILE B 51 -3.35 9.31 -3.19
N VAL B 52 -3.45 10.63 -3.17
CA VAL B 52 -4.33 11.30 -2.19
C VAL B 52 -5.79 10.87 -2.39
N ASP B 53 -6.23 10.90 -3.64
CA ASP B 53 -7.59 10.54 -3.98
C ASP B 53 -7.98 9.11 -3.59
N GLN B 54 -7.04 8.17 -3.78
CA GLN B 54 -7.31 6.76 -3.52
C GLN B 54 -7.11 6.35 -2.08
N GLU B 55 -6.12 6.95 -1.42
CA GLU B 55 -5.71 6.46 -0.09
C GLU B 55 -6.21 7.33 1.06
N LEU B 56 -6.46 8.60 0.81
CA LEU B 56 -6.78 9.52 1.91
C LEU B 56 -8.22 10.06 1.83
N LEU B 57 -8.59 10.64 0.69
CA LEU B 57 -9.88 11.32 0.64
C LEU B 57 -11.09 10.43 0.87
N PRO B 58 -11.01 9.12 0.56
CA PRO B 58 -12.21 8.34 0.84
C PRO B 58 -12.56 8.32 2.32
N TYR B 59 -11.59 8.64 3.18
CA TYR B 59 -11.80 8.62 4.62
C TYR B 59 -12.08 10.00 5.18
N VAL B 60 -12.17 10.98 4.29
CA VAL B 60 -12.42 12.36 4.69
C VAL B 60 -13.85 12.75 4.42
N GLN B 61 -14.49 13.42 5.39
CA GLN B 61 -15.84 13.94 5.19
C GLN B 61 -15.73 15.32 4.52
N VAL B 62 -15.51 15.27 3.22
CA VAL B 62 -15.12 16.43 2.46
C VAL B 62 -16.18 17.53 2.51
N LYS B 63 -17.46 17.17 2.38
CA LYS B 63 -18.48 18.21 2.34
C LYS B 63 -18.72 18.82 3.72
N TYR B 64 -18.54 18.02 4.76
CA TYR B 64 -18.69 18.55 6.12
C TYR B 64 -17.56 19.55 6.40
N ALA B 65 -16.33 19.14 6.08
CA ALA B 65 -15.21 20.08 6.24
C ALA B 65 -15.43 21.36 5.41
N GLY B 66 -15.82 21.17 4.15
CA GLY B 66 -16.05 22.32 3.28
C GLY B 66 -17.09 23.28 3.82
N ALA B 67 -18.17 22.69 4.33
CA ALA B 67 -19.26 23.52 4.89
C ALA B 67 -18.80 24.28 6.14
N LEU B 68 -18.04 23.59 6.99
CA LEU B 68 -17.52 24.24 8.18
C LEU B 68 -16.66 25.42 7.81
N VAL B 69 -15.81 25.25 6.80
CA VAL B 69 -14.96 26.36 6.40
C VAL B 69 -15.79 27.55 5.91
N LEU B 70 -16.90 27.30 5.21
CA LEU B 70 -17.80 28.42 4.87
C LEU B 70 -18.46 29.12 6.03
N GLY B 71 -18.74 28.38 7.11
CA GLY B 71 -19.26 29.04 8.30
C GLY B 71 -20.64 29.57 7.95
N GLN B 72 -20.92 30.82 8.29
CA GLN B 72 -22.25 31.38 8.07
C GLN B 72 -22.59 31.55 6.58
N TYR B 73 -21.59 31.48 5.71
CA TYR B 73 -21.84 31.66 4.27
C TYR B 73 -22.42 30.40 3.61
N TYR B 74 -22.40 29.26 4.29
CA TYR B 74 -23.00 28.06 3.74
C TYR B 74 -24.50 28.24 3.62
N LYS B 75 -25.13 28.73 4.68
CA LYS B 75 -26.57 28.82 4.74
C LYS B 75 -27.16 29.66 3.61
N SER B 76 -26.48 30.74 3.24
CA SER B 76 -27.00 31.64 2.21
C SER B 76 -26.63 31.21 0.80
N ALA B 77 -25.75 30.23 0.67
CA ALA B 77 -25.37 29.74 -0.66
C ALA B 77 -26.50 28.91 -1.25
N THR B 78 -26.73 29.08 -2.55
CA THR B 78 -27.74 28.31 -3.25
C THR B 78 -27.23 26.88 -3.46
N PRO B 79 -28.15 25.95 -3.78
CA PRO B 79 -27.71 24.58 -4.05
C PRO B 79 -26.65 24.52 -5.17
N ALA B 80 -26.84 25.28 -6.25
CA ALA B 80 -25.87 25.25 -7.33
C ALA B 80 -24.50 25.76 -6.86
N GLN B 81 -24.53 26.84 -6.07
CA GLN B 81 -23.30 27.39 -5.51
C GLN B 81 -22.59 26.37 -4.61
N ARG B 82 -23.37 25.69 -3.77
CA ARG B 82 -22.79 24.65 -2.90
C ARG B 82 -22.17 23.53 -3.71
N GLU B 83 -22.90 23.06 -4.72
CA GLU B 83 -22.40 21.98 -5.56
C GLU B 83 -21.05 22.35 -6.20
N ALA B 84 -21.02 23.55 -6.78
CA ALA B 84 -19.79 23.97 -7.43
C ALA B 84 -18.64 24.15 -6.43
N TYR B 85 -18.95 24.73 -5.28
CA TYR B 85 -17.96 24.89 -4.23
C TYR B 85 -17.40 23.56 -3.75
N PHE B 86 -18.27 22.59 -3.48
CA PHE B 86 -17.77 21.31 -3.00
C PHE B 86 -16.91 20.64 -4.04
N ALA B 87 -17.29 20.74 -5.31
CA ALA B 87 -16.45 20.16 -6.37
C ALA B 87 -15.07 20.82 -6.37
N ALA B 88 -15.05 22.14 -6.31
CA ALA B 88 -13.75 22.82 -6.34
C ALA B 88 -12.92 22.55 -5.07
N PHE B 89 -13.60 22.46 -3.94
CA PHE B 89 -12.94 22.19 -2.65
C PHE B 89 -12.25 20.83 -2.67
N ARG B 90 -12.91 19.82 -3.23
N ARG B 90 -12.91 19.82 -3.22
CA ARG B 90 -12.31 18.48 -3.29
CA ARG B 90 -12.33 18.48 -3.32
C ARG B 90 -11.05 18.48 -4.18
C ARG B 90 -11.06 18.48 -4.18
N GLU B 91 -11.13 19.16 -5.32
CA GLU B 91 -9.96 19.26 -6.19
C GLU B 91 -8.83 20.02 -5.48
N TYR B 92 -9.22 21.04 -4.72
CA TYR B 92 -8.27 21.80 -3.94
C TYR B 92 -7.56 20.88 -2.92
N LEU B 93 -8.31 20.02 -2.24
CA LEU B 93 -7.67 19.11 -1.28
C LEU B 93 -6.71 18.16 -1.97
N LYS B 94 -7.11 17.64 -3.14
CA LYS B 94 -6.18 16.78 -3.88
C LYS B 94 -4.86 17.51 -4.19
N GLN B 95 -4.98 18.75 -4.67
CA GLN B 95 -3.77 19.50 -5.00
C GLN B 95 -2.94 19.84 -3.76
N ALA B 96 -3.59 20.33 -2.71
CA ALA B 96 -2.86 20.79 -1.53
C ALA B 96 -2.14 19.63 -0.84
N TYR B 97 -2.85 18.52 -0.69
CA TYR B 97 -2.21 17.40 -0.02
C TYR B 97 -1.28 16.64 -0.97
N GLY B 98 -1.56 16.66 -2.28
CA GLY B 98 -0.57 16.20 -3.23
C GLY B 98 0.75 16.95 -3.12
N GLN B 99 0.63 18.29 -3.02
CA GLN B 99 1.82 19.11 -2.88
C GLN B 99 2.49 18.81 -1.54
N ALA B 100 1.71 18.50 -0.51
CA ALA B 100 2.33 18.05 0.73
C ALA B 100 3.10 16.74 0.57
N LEU B 101 2.52 15.78 -0.12
CA LEU B 101 3.22 14.52 -0.38
C LEU B 101 4.47 14.72 -1.22
N ALA B 102 4.47 15.74 -2.06
CA ALA B 102 5.67 16.09 -2.84
C ALA B 102 6.89 16.44 -1.97
N MET B 103 6.65 16.71 -0.68
N MET B 103 6.67 16.70 -0.68
CA MET B 103 7.73 17.02 0.25
CA MET B 103 7.77 17.02 0.23
C MET B 103 8.33 15.76 0.88
C MET B 103 8.45 15.76 0.75
N TYR B 104 7.94 14.60 0.37
CA TYR B 104 8.49 13.35 0.89
C TYR B 104 9.96 13.13 0.51
N HIS B 105 10.77 12.86 1.53
CA HIS B 105 12.19 12.57 1.38
C HIS B 105 12.61 11.55 2.42
N GLY B 106 11.85 10.47 2.53
CA GLY B 106 12.22 9.36 3.40
C GLY B 106 11.66 9.42 4.80
N GLN B 107 10.73 10.34 5.06
CA GLN B 107 10.09 10.38 6.37
C GLN B 107 9.32 9.11 6.64
N THR B 108 9.03 8.86 7.90
CA THR B 108 8.11 7.79 8.24
C THR B 108 7.16 8.32 9.28
N TYR B 109 6.41 7.42 9.91
CA TYR B 109 5.30 7.85 10.77
C TYR B 109 5.15 6.95 11.97
N GLN B 110 4.49 7.50 12.98
CA GLN B 110 4.05 6.74 14.14
C GLN B 110 2.65 7.22 14.46
N ILE B 111 1.71 6.28 14.59
N ILE B 111 1.73 6.26 14.55
CA ILE B 111 0.34 6.61 14.92
CA ILE B 111 0.34 6.51 14.92
C ILE B 111 0.04 6.26 16.36
C ILE B 111 0.20 6.35 16.43
N ALA B 112 -0.66 7.17 17.03
CA ALA B 112 -1.04 6.98 18.41
C ALA B 112 -1.68 5.62 18.61
N PRO B 113 -1.42 4.97 19.74
CA PRO B 113 -2.01 3.63 19.93
C PRO B 113 -3.52 3.67 20.14
N GLU B 114 -4.20 2.64 19.67
CA GLU B 114 -5.64 2.54 19.81
C GLU B 114 -6.08 2.67 21.27
N GLN B 115 -7.12 3.46 21.51
CA GLN B 115 -7.78 3.56 22.82
C GLN B 115 -9.24 3.18 22.65
N PRO B 116 -9.90 2.75 23.74
CA PRO B 116 -11.32 2.47 23.60
C PRO B 116 -12.10 3.71 23.14
N LEU B 117 -13.05 3.51 22.24
CA LEU B 117 -13.83 4.60 21.69
C LEU B 117 -14.90 5.04 22.68
N GLY B 118 -15.43 4.08 23.44
CA GLY B 118 -16.51 4.35 24.37
C GLY B 118 -17.71 4.94 23.66
N ASP B 119 -18.12 6.13 24.12
CA ASP B 119 -19.27 6.82 23.55
C ASP B 119 -18.85 8.16 22.94
N LYS B 120 -17.56 8.31 22.69
CA LYS B 120 -17.02 9.56 22.17
C LYS B 120 -17.62 9.88 20.80
N THR B 121 -17.79 11.17 20.52
N THR B 121 -17.77 11.18 20.52
CA THR B 121 -18.33 11.62 19.24
CA THR B 121 -18.33 11.64 19.27
C THR B 121 -17.22 12.17 18.33
C THR B 121 -17.23 12.17 18.34
N ILE B 122 -16.20 12.77 18.93
CA ILE B 122 -15.03 13.20 18.17
C ILE B 122 -13.83 12.46 18.77
N VAL B 123 -13.05 11.83 17.91
CA VAL B 123 -11.88 11.06 18.35
C VAL B 123 -10.66 11.65 17.65
N PRO B 124 -9.77 12.32 18.42
CA PRO B 124 -8.50 12.79 17.87
C PRO B 124 -7.49 11.66 17.80
N ILE B 125 -6.85 11.52 16.64
CA ILE B 125 -5.82 10.50 16.48
C ILE B 125 -4.58 11.14 15.90
N ARG B 126 -3.50 11.08 16.67
CA ARG B 126 -2.25 11.67 16.29
C ARG B 126 -1.42 10.78 15.41
N VAL B 127 -0.82 11.36 14.37
N VAL B 127 -0.87 11.41 14.38
CA VAL B 127 0.25 10.71 13.65
CA VAL B 127 0.24 10.90 13.61
C VAL B 127 1.44 11.68 13.60
C VAL B 127 1.42 11.78 13.90
N THR B 128 2.59 11.18 14.04
CA THR B 128 3.81 11.95 14.10
C THR B 128 4.63 11.56 12.90
N ILE B 129 4.99 12.56 12.10
CA ILE B 129 5.84 12.37 10.94
C ILE B 129 7.28 12.59 11.39
N ILE B 130 8.09 11.55 11.23
CA ILE B 130 9.45 11.49 11.70
C ILE B 130 10.40 11.54 10.52
N ASP B 131 11.46 12.35 10.63
CA ASP B 131 12.43 12.48 9.56
C ASP B 131 13.77 12.03 10.09
N PRO B 132 14.06 10.73 10.01
CA PRO B 132 15.30 10.24 10.63
C PRO B 132 16.54 10.96 10.13
N ASN B 133 17.37 11.39 11.08
CA ASN B 133 18.59 12.11 10.79
C ASN B 133 18.35 13.43 10.09
N GLY B 134 17.11 13.89 10.11
CA GLY B 134 16.74 15.12 9.44
C GLY B 134 16.04 16.10 10.36
N ARG B 135 14.88 16.57 9.92
CA ARG B 135 14.18 17.63 10.64
C ARG B 135 13.39 17.07 11.83
N PRO B 136 13.03 17.94 12.77
CA PRO B 136 12.27 17.54 13.96
C PRO B 136 10.87 17.01 13.63
N PRO B 137 10.24 16.32 14.58
CA PRO B 137 8.96 15.68 14.32
C PRO B 137 7.86 16.66 13.96
N VAL B 138 6.95 16.24 13.09
CA VAL B 138 5.77 17.01 12.72
C VAL B 138 4.55 16.27 13.26
N ARG B 139 3.80 16.91 14.15
CA ARG B 139 2.65 16.27 14.76
C ARG B 139 1.35 16.65 14.07
N LEU B 140 0.63 15.64 13.60
CA LEU B 140 -0.65 15.82 12.91
C LEU B 140 -1.75 15.12 13.69
N ASP B 141 -2.80 15.85 14.07
CA ASP B 141 -3.89 15.25 14.81
C ASP B 141 -5.11 15.25 13.92
N PHE B 142 -5.56 14.07 13.51
CA PHE B 142 -6.76 13.93 12.69
C PHE B 142 -7.98 13.81 13.56
N GLN B 143 -9.01 14.55 13.21
N GLN B 143 -8.98 14.65 13.28
CA GLN B 143 -10.23 14.63 13.98
CA GLN B 143 -10.24 14.63 14.01
C GLN B 143 -11.31 13.77 13.34
C GLN B 143 -11.19 13.71 13.28
N TRP B 144 -11.61 12.65 13.96
CA TRP B 144 -12.53 11.66 13.42
C TRP B 144 -13.90 11.74 14.08
N ARG B 145 -14.93 11.51 13.27
CA ARG B 145 -16.31 11.47 13.74
C ARG B 145 -17.04 10.31 13.03
N LYS B 146 -17.98 9.68 13.73
CA LYS B 146 -18.74 8.60 13.13
C LYS B 146 -19.90 9.26 12.43
N ASN B 147 -19.93 9.09 11.11
CA ASN B 147 -20.93 9.70 10.27
C ASN B 147 -22.24 8.95 10.46
N SER B 148 -23.25 9.61 11.01
CA SER B 148 -24.51 8.98 11.34
C SER B 148 -25.27 8.52 10.10
N GLN B 149 -25.06 9.22 8.98
N GLN B 149 -25.04 9.22 9.00
CA GLN B 149 -25.76 8.88 7.75
CA GLN B 149 -25.72 8.91 7.75
C GLN B 149 -25.11 7.70 7.01
C GLN B 149 -25.10 7.70 7.04
N THR B 150 -23.78 7.67 6.94
CA THR B 150 -23.11 6.58 6.21
C THR B 150 -22.75 5.39 7.10
N GLY B 151 -22.65 5.64 8.41
CA GLY B 151 -22.28 4.61 9.35
C GLY B 151 -20.77 4.39 9.43
N ASN B 152 -20.01 5.22 8.71
CA ASN B 152 -18.56 5.11 8.68
C ASN B 152 -17.88 6.19 9.51
N TRP B 153 -16.76 5.84 10.13
CA TRP B 153 -15.86 6.83 10.70
C TRP B 153 -15.15 7.59 9.59
N GLN B 154 -15.15 8.91 9.72
CA GLN B 154 -14.41 9.77 8.79
C GLN B 154 -13.69 10.88 9.51
N ALA B 155 -12.58 11.32 8.92
CA ALA B 155 -11.85 12.48 9.39
C ALA B 155 -12.46 13.74 8.78
N TYR B 156 -12.59 14.82 9.55
CA TYR B 156 -13.09 16.07 9.00
C TYR B 156 -12.15 17.25 9.22
N ASP B 157 -11.10 17.05 10.00
CA ASP B 157 -10.13 18.10 10.23
C ASP B 157 -8.78 17.48 10.50
N MET B 158 -7.76 18.28 10.25
CA MET B 158 -6.38 17.93 10.60
C MET B 158 -5.78 19.11 11.30
N ILE B 159 -5.24 18.85 12.50
CA ILE B 159 -4.54 19.83 13.27
C ILE B 159 -3.06 19.57 13.05
N ALA B 160 -2.40 20.50 12.37
CA ALA B 160 -0.99 20.33 11.99
C ALA B 160 -0.16 21.27 12.83
N GLU B 161 0.76 20.72 13.60
CA GLU B 161 1.58 21.50 14.49
C GLU B 161 0.73 22.46 15.33
N GLY B 162 -0.38 21.94 15.84
CA GLY B 162 -1.24 22.69 16.74
C GLY B 162 -2.23 23.62 16.09
N VAL B 163 -2.29 23.61 14.75
CA VAL B 163 -3.20 24.51 14.05
C VAL B 163 -4.19 23.73 13.21
N SER B 164 -5.48 23.94 13.48
CA SER B 164 -6.56 23.33 12.72
C SER B 164 -6.66 23.88 11.32
N MET B 165 -6.62 22.99 10.34
N MET B 165 -6.66 23.02 10.32
CA MET B 165 -6.76 23.39 8.96
CA MET B 165 -6.82 23.48 8.94
C MET B 165 -8.15 24.03 8.70
C MET B 165 -8.22 24.07 8.71
N ILE B 166 -9.22 23.46 9.25
N ILE B 166 -9.25 23.48 9.31
CA ILE B 166 -10.53 24.09 9.06
CA ILE B 166 -10.61 24.02 9.17
C ILE B 166 -10.50 25.51 9.63
C ILE B 166 -10.66 25.44 9.71
N THR B 167 -10.07 25.66 10.88
CA THR B 167 -10.11 26.95 11.52
C THR B 167 -9.28 27.95 10.74
N THR B 168 -8.09 27.52 10.30
CA THR B 168 -7.26 28.40 9.50
C THR B 168 -7.97 28.84 8.22
N LYS B 169 -8.59 27.91 7.51
CA LYS B 169 -9.26 28.32 6.27
C LYS B 169 -10.55 29.10 6.54
N GLN B 170 -11.27 28.75 7.60
N GLN B 170 -11.25 28.78 7.62
CA GLN B 170 -12.42 29.57 8.03
CA GLN B 170 -12.45 29.56 7.99
C GLN B 170 -11.97 31.02 8.06
C GLN B 170 -12.07 31.02 8.23
N ASN B 171 -10.89 31.23 8.79
CA ASN B 171 -10.37 32.57 9.02
C ASN B 171 -9.95 33.20 7.69
N GLU B 172 -9.14 32.47 6.92
CA GLU B 172 -8.55 33.05 5.71
C GLU B 172 -9.59 33.24 4.60
N TRP B 173 -10.44 32.25 4.38
CA TRP B 173 -11.40 32.33 3.28
C TRP B 173 -12.58 33.20 3.67
N GLY B 174 -12.82 33.41 4.95
CA GLY B 174 -13.79 34.42 5.33
C GLY B 174 -13.64 35.76 4.62
N THR B 175 -12.41 36.25 4.52
CA THR B 175 -12.13 37.53 3.86
C THR B 175 -12.53 37.50 2.38
N LEU B 176 -12.15 36.39 1.74
CA LEU B 176 -12.48 36.18 0.36
C LEU B 176 -13.99 36.15 0.22
N LEU B 177 -14.67 35.46 1.13
CA LEU B 177 -16.12 35.37 1.05
C LEU B 177 -16.76 36.75 1.19
N ARG B 178 -16.21 37.56 2.09
CA ARG B 178 -16.73 38.93 2.26
C ARG B 178 -16.54 39.83 1.06
N THR B 179 -15.52 39.56 0.25
CA THR B 179 -15.34 40.35 -0.98
C THR B 179 -15.83 39.74 -2.31
N LYS B 180 -15.50 38.48 -2.59
CA LYS B 180 -15.87 37.92 -3.89
C LYS B 180 -16.85 36.76 -3.77
N GLY B 181 -17.36 36.53 -2.55
CA GLY B 181 -18.44 35.60 -2.34
C GLY B 181 -18.02 34.17 -2.53
N ILE B 182 -19.00 33.28 -2.36
CA ILE B 182 -18.71 31.86 -2.51
C ILE B 182 -18.33 31.56 -3.96
N ASP B 183 -18.87 32.31 -4.91
CA ASP B 183 -18.50 32.04 -6.29
C ASP B 183 -17.06 32.49 -6.58
N GLY B 184 -16.63 33.63 -6.05
CA GLY B 184 -15.24 34.00 -6.24
C GLY B 184 -14.30 33.03 -5.56
N LEU B 185 -14.68 32.63 -4.34
CA LEU B 185 -13.88 31.61 -3.65
C LEU B 185 -13.79 30.32 -4.46
N THR B 186 -14.92 29.84 -4.96
CA THR B 186 -14.93 28.61 -5.76
C THR B 186 -13.99 28.72 -6.96
N ALA B 187 -14.10 29.84 -7.68
CA ALA B 187 -13.25 30.04 -8.84
C ALA B 187 -11.78 30.01 -8.47
N GLN B 188 -11.46 30.67 -7.35
CA GLN B 188 -10.08 30.66 -6.90
C GLN B 188 -9.60 29.26 -6.49
N LEU B 189 -10.41 28.50 -5.75
CA LEU B 189 -10.02 27.14 -5.39
C LEU B 189 -9.80 26.28 -6.62
N LYS B 190 -10.66 26.45 -7.62
CA LYS B 190 -10.50 25.72 -8.87
C LYS B 190 -9.15 26.09 -9.50
N SER B 191 -8.87 27.39 -9.58
CA SER B 191 -7.59 27.82 -10.12
C SER B 191 -6.39 27.24 -9.36
N ILE B 192 -6.44 27.28 -8.03
CA ILE B 192 -5.36 26.70 -7.24
C ILE B 192 -5.22 25.21 -7.52
N SER B 193 -6.34 24.52 -7.62
CA SER B 193 -6.29 23.07 -7.80
C SER B 193 -5.64 22.66 -9.12
N GLN B 194 -5.47 23.63 -10.03
CA GLN B 194 -4.93 23.36 -11.36
C GLN B 194 -3.43 23.61 -11.44
N GLN B 195 -2.85 24.16 -10.38
CA GLN B 195 -1.41 24.35 -10.33
C GLN B 195 -0.68 23.01 -10.34
N LYS B 196 0.31 22.88 -11.21
CA LYS B 196 1.04 21.61 -11.27
C LYS B 196 1.81 21.37 -9.98
N ILE B 197 1.83 20.12 -9.53
N ILE B 197 1.82 20.12 -9.54
CA ILE B 197 2.61 19.77 -8.35
CA ILE B 197 2.62 19.72 -8.39
C ILE B 197 4.09 19.79 -8.69
C ILE B 197 4.10 19.86 -8.73
N THR B 198 4.88 20.40 -7.81
CA THR B 198 6.32 20.51 -7.99
C THR B 198 7.07 19.71 -6.92
N LEU B 199 8.10 19.01 -7.35
CA LEU B 199 9.03 18.37 -6.43
C LEU B 199 10.22 19.30 -6.26
N GLU B 200 10.77 19.38 -5.06
CA GLU B 200 11.92 20.24 -4.78
C GLU B 200 12.51 19.92 -3.42
C2 8ND C . -3.67 -19.07 -8.83
C1 8ND C . -4.07 -20.51 -9.19
C3 8ND C . -4.88 -18.16 -8.97
C10 8ND C . -1.86 -18.47 -7.28
C11 8ND C . -1.49 -17.70 -6.03
C12 8ND C . -0.35 -16.72 -6.31
C13 8ND C . 0.26 -16.14 -5.03
C14 8ND C . 1.56 -15.43 -5.36
C15 8ND C . 2.36 -14.96 -4.15
C16 8ND C . 3.64 -15.76 -3.96
C17 8ND C . 4.65 -15.06 -3.04
C18 8ND C . 6.01 -15.77 -3.05
C19 8ND C . 5.93 -17.26 -2.72
C20 8ND C . 7.29 -17.82 -2.30
C21 8ND C . 7.47 -19.28 -2.70
C22 8ND C . 8.89 -19.75 -2.46
C23 8ND C . 9.09 -21.18 -2.94
C24 8ND C . 9.58 -21.22 -4.38
C25 8ND C . 9.80 -22.66 -4.79
C30 8ND C . -5.57 -15.93 -8.16
C31 8ND C . -5.10 -14.60 -8.66
C32 8ND C . -4.85 -13.66 -7.50
C33 8ND C . -3.75 -12.67 -7.83
C34 8ND C . -3.32 -11.88 -6.61
C35 8ND C . -2.66 -12.78 -5.57
C36 8ND C . -1.89 -11.96 -4.54
C37 8ND C . -1.71 -12.79 -3.28
C38 8ND C . -0.55 -12.27 -2.45
C39 8ND C . -0.47 -12.94 -1.08
C40 8ND C . 0.56 -12.19 -0.24
C41 8ND C . 1.06 -12.96 0.98
C42 8ND C . 2.39 -12.39 1.47
C43 8ND C . 3.56 -13.33 1.19
C44 8ND C . 4.87 -12.81 1.78
C45 8ND C . 6.02 -13.71 1.39
O4 8ND C . -1.01 -18.70 -8.13
O5 8ND C . -6.70 -16.11 -7.75
O2 8ND C . -3.22 -18.95 -7.48
O3 8ND C . -4.63 -17.04 -8.15
O3P 8ND C . -4.53 -20.58 -10.53
C2 8ND D . 5.26 19.08 6.48
C1 8ND D . 5.71 20.12 7.50
C3 8ND D . 6.46 18.39 5.85
C10 8ND D . 3.08 18.02 6.58
C11 8ND D . 2.50 16.74 6.03
C12 8ND D . 1.01 16.90 5.75
C13 8ND D . 0.38 15.57 5.31
C14 8ND D . -0.94 15.83 4.58
C15 8ND D . -1.95 14.71 4.78
C16 8ND D . -3.34 15.13 4.30
C17 8ND D . -4.43 14.20 4.84
C18 8ND D . -5.85 14.69 4.56
C19 8ND D . -6.53 15.25 5.81
C20 8ND D . -7.71 16.14 5.45
C21 8ND D . -8.61 16.44 6.65
C22 8ND D . -9.69 17.45 6.25
C23 8ND D . -9.15 18.88 6.31
C24 8ND D . -10.05 19.84 5.56
C25 8ND D . -9.46 21.24 5.52
C30 8ND D . 6.36 16.02 5.01
C31 8ND D . 5.95 15.08 3.90
C32 8ND D . 5.86 13.65 4.41
C33 8ND D . 4.71 12.89 3.74
C34 8ND D . 3.37 13.41 4.26
C35 8ND D . 2.66 12.42 5.18
C36 8ND D . 1.75 11.45 4.43
C37 8ND D . 0.36 11.35 5.07
C38 8ND D . 0.45 10.62 6.41
C39 8ND D . -0.78 10.83 7.25
C40 8ND D . -1.95 10.04 6.70
C41 8ND D . -2.87 9.62 7.83
C42 8ND D . -4.14 9.02 7.28
C43 8ND D . -5.21 10.07 7.11
C44 8ND D . -6.55 9.46 6.76
C45 8ND D . -7.60 10.53 6.62
O4 8ND D . 2.41 19.04 6.62
O5 8ND D . 7.02 15.63 5.95
O2 8ND D . 4.45 18.04 7.05
O3 8ND D . 5.95 17.41 4.96
O3P 8ND D . 5.27 21.42 7.12
#